data_6QXN
#
_entry.id   6QXN
#
_cell.length_a   70.380
_cell.length_b   70.380
_cell.length_c   291.490
_cell.angle_alpha   90.00
_cell.angle_beta   90.00
_cell.angle_gamma   90.00
#
_symmetry.space_group_name_H-M   'P 43 21 2'
#
loop_
_entity.id
_entity.type
_entity.pdbx_description
1 polymer 'CCA-adding enzyme'
2 non-polymer "CYTIDINE-5'-TRIPHOSPHATE"
3 non-polymer GLYCEROL
4 non-polymer 'ACETATE ION'
5 non-polymer 'PHOSPHATE ION'
6 water water
#
_entity_poly.entity_id   1
_entity_poly.type   'polypeptide(L)'
_entity_poly.pdbx_seq_one_letter_code
;MHHHHHHSSGLVPRGSGMKETAAAKFERQHMDSPDLGTDDDDKMNTAIKVIHTLKAAGFEAYIVGGAVRDLLLGKTPHDV
DVASSALPQQVKVLFDRTVDTGIDHGTVLVLLDGEGIEVTTFRTESSYSDNRRPDSVEFVLSLEEDLRRRDFTINAMAMT
EDLKIIDPFGGKEDLKNKVIRAVGDPDERFEEDALRMLRAIRFSGQLDFIIDMKTLLSIRRHARLIRFIAVERLKSEIDK
IFVNPSMQKSMAYLKDSVLTRFLPVGGLFEVDWITYHTDGNPTYGWLYLLHQQKRQFTDIKDYRFSNEEKRLIEKSLELT
ALNTWDQWTFYKYTLKQLEMASRVTGKKKDLAAIKRQLPIQSRSELAVDGWDLIEWSGAKSGPWLKVWIEKIERLIVYGI
LKNDKELIKDWFEDEYHSHT
;
_entity_poly.pdbx_strand_id   A
#
# COMPACT_ATOMS: atom_id res chain seq x y z
N ASP A 41 20.17 4.12 -8.33
CA ASP A 41 21.50 4.74 -8.55
C ASP A 41 21.93 4.57 -10.01
N ASP A 42 21.19 3.73 -10.74
CA ASP A 42 21.37 3.61 -12.17
C ASP A 42 20.14 4.00 -12.98
N LYS A 43 19.02 4.31 -12.34
CA LYS A 43 17.81 4.54 -13.14
C LYS A 43 17.91 5.85 -13.93
N MET A 44 18.37 6.95 -13.33
CA MET A 44 18.48 8.19 -14.09
C MET A 44 19.42 8.01 -15.28
N ASN A 45 20.57 7.37 -15.08
CA ASN A 45 21.49 7.14 -16.20
C ASN A 45 20.80 6.36 -17.32
N THR A 46 20.05 5.32 -16.97
CA THR A 46 19.37 4.52 -17.98
C THR A 46 18.31 5.35 -18.71
N ALA A 47 17.55 6.16 -17.96
CA ALA A 47 16.58 7.05 -18.60
C ALA A 47 17.26 8.02 -19.57
N ILE A 48 18.41 8.57 -19.20
CA ILE A 48 19.16 9.45 -20.10
C ILE A 48 19.57 8.69 -21.37
N LYS A 49 20.05 7.46 -21.22
CA LYS A 49 20.38 6.63 -22.38
C LYS A 49 19.14 6.35 -23.25
N VAL A 50 17.99 6.10 -22.62
CA VAL A 50 16.75 5.92 -23.37
C VAL A 50 16.42 7.19 -24.18
N ILE A 51 16.52 8.34 -23.52
CA ILE A 51 16.25 9.60 -24.20
C ILE A 51 17.22 9.80 -25.37
N HIS A 52 18.51 9.55 -25.14
CA HIS A 52 19.48 9.69 -26.22
C HIS A 52 19.10 8.86 -27.42
N THR A 53 18.66 7.61 -27.19
CA THR A 53 18.30 6.71 -28.27
C THR A 53 17.06 7.17 -28.99
N LEU A 54 16.07 7.69 -28.26
CA LEU A 54 14.87 8.20 -28.91
C LEU A 54 15.18 9.42 -29.76
N LYS A 55 16.07 10.29 -29.26
CA LYS A 55 16.39 11.50 -30.01
C LYS A 55 17.28 11.20 -31.21
N ALA A 56 18.17 10.21 -31.10
CA ALA A 56 18.95 9.80 -32.26
C ALA A 56 18.06 9.39 -33.41
N ALA A 57 16.89 8.84 -33.12
CA ALA A 57 15.91 8.45 -34.12
C ALA A 57 15.01 9.60 -34.55
N GLY A 58 15.27 10.82 -34.09
CA GLY A 58 14.51 11.99 -34.50
C GLY A 58 13.32 12.35 -33.63
N PHE A 59 13.12 11.67 -32.51
CA PHE A 59 11.98 11.97 -31.65
C PHE A 59 12.38 12.90 -30.51
N GLU A 60 11.38 13.60 -29.97
CA GLU A 60 11.57 14.35 -28.73
C GLU A 60 11.45 13.39 -27.55
N ALA A 61 12.22 13.66 -26.49
CA ALA A 61 12.13 12.82 -25.31
C ALA A 61 12.66 13.58 -24.09
N TYR A 62 11.99 13.39 -22.94
CA TYR A 62 12.23 14.13 -21.71
C TYR A 62 12.00 13.22 -20.51
N ILE A 63 12.67 13.53 -19.40
CA ILE A 63 12.26 13.01 -18.09
C ILE A 63 11.06 13.81 -17.61
N VAL A 64 10.04 13.12 -17.08
CA VAL A 64 8.82 13.78 -16.63
C VAL A 64 8.39 13.19 -15.30
N GLY A 65 7.42 13.86 -14.66
CA GLY A 65 6.78 13.29 -13.50
C GLY A 65 7.63 13.38 -12.23
N GLY A 66 7.49 12.35 -11.39
CA GLY A 66 8.06 12.42 -10.05
C GLY A 66 9.57 12.52 -10.02
N ALA A 67 10.24 11.96 -11.03
CA ALA A 67 11.70 11.99 -11.04
C ALA A 67 12.25 13.42 -11.09
N VAL A 68 11.60 14.32 -11.84
CA VAL A 68 12.05 15.72 -11.88
C VAL A 68 11.85 16.36 -10.52
N ARG A 69 10.70 16.09 -9.91
CA ARG A 69 10.39 16.61 -8.59
C ARG A 69 11.39 16.11 -7.54
N ASP A 70 11.74 14.82 -7.59
CA ASP A 70 12.69 14.27 -6.62
C ASP A 70 14.09 14.79 -6.86
N LEU A 71 14.54 14.83 -8.12
CA LEU A 71 15.85 15.41 -8.43
C LEU A 71 15.98 16.83 -7.87
N LEU A 72 15.00 17.69 -8.14
CA LEU A 72 15.08 19.05 -7.64
C LEU A 72 15.03 19.12 -6.12
N LEU A 73 14.47 18.13 -5.46
CA LEU A 73 14.47 18.08 -4.00
C LEU A 73 15.74 17.46 -3.44
N GLY A 74 16.70 17.09 -4.30
CA GLY A 74 17.89 16.41 -3.84
C GLY A 74 17.71 14.97 -3.45
N LYS A 75 16.61 14.35 -3.84
CA LYS A 75 16.39 12.93 -3.57
C LYS A 75 16.77 12.09 -4.78
N THR A 76 17.03 10.81 -4.53
CA THR A 76 17.22 9.84 -5.60
C THR A 76 15.86 9.32 -6.03
N PRO A 77 15.51 9.42 -7.29
CA PRO A 77 14.20 8.93 -7.71
C PRO A 77 13.96 7.46 -7.57
N HIS A 78 12.74 7.08 -7.28
CA HIS A 78 12.15 5.78 -7.14
C HIS A 78 11.91 5.13 -8.50
N ASP A 79 11.40 5.99 -9.34
CA ASP A 79 10.97 5.67 -10.69
C ASP A 79 11.33 6.85 -11.57
N VAL A 80 11.69 6.57 -12.81
CA VAL A 80 12.03 7.62 -13.76
C VAL A 80 11.21 7.35 -15.00
N ASP A 81 10.23 8.22 -15.28
CA ASP A 81 9.39 8.15 -16.47
C ASP A 81 9.96 9.03 -17.56
N VAL A 82 9.76 8.59 -18.80
CA VAL A 82 10.17 9.34 -19.99
C VAL A 82 8.91 9.63 -20.80
N ALA A 83 8.78 10.86 -21.28
CA ALA A 83 7.73 11.25 -22.21
C ALA A 83 8.37 11.52 -23.56
N SER A 84 7.71 11.10 -24.63
CA SER A 84 8.34 11.19 -25.95
C SER A 84 7.29 11.48 -27.03
N SER A 85 7.74 12.08 -28.13
CA SER A 85 6.86 12.18 -29.30
C SER A 85 6.71 10.85 -30.03
N ALA A 86 7.59 9.89 -29.76
CA ALA A 86 7.45 8.57 -30.34
C ALA A 86 6.14 7.92 -29.90
N LEU A 87 5.50 7.21 -30.83
CA LEU A 87 4.37 6.36 -30.52
C LEU A 87 4.85 4.99 -30.07
N PRO A 88 4.00 4.24 -29.37
CA PRO A 88 4.47 2.98 -28.75
C PRO A 88 5.21 2.02 -29.67
N GLN A 89 4.68 1.75 -30.88
CA GLN A 89 5.38 0.82 -31.77
C GLN A 89 6.69 1.38 -32.28
N GLN A 90 6.83 2.70 -32.33
CA GLN A 90 8.13 3.28 -32.70
C GLN A 90 9.14 3.14 -31.56
N VAL A 91 8.70 3.18 -30.31
CA VAL A 91 9.62 2.88 -29.20
C VAL A 91 10.11 1.44 -29.31
N LYS A 92 9.17 0.50 -29.54
CA LYS A 92 9.53 -0.91 -29.61
C LYS A 92 10.55 -1.19 -30.70
N VAL A 93 10.54 -0.40 -31.78
CA VAL A 93 11.53 -0.58 -32.84
C VAL A 93 12.93 -0.28 -32.33
N LEU A 94 13.06 0.65 -31.38
CA LEU A 94 14.36 1.17 -31.00
C LEU A 94 15.02 0.40 -29.86
N PHE A 95 14.31 -0.48 -29.17
CA PHE A 95 14.86 -1.14 -27.99
C PHE A 95 14.60 -2.64 -28.07
N ASP A 96 15.63 -3.43 -27.72
CA ASP A 96 15.55 -4.88 -27.86
C ASP A 96 14.45 -5.49 -26.99
N ARG A 97 14.37 -5.08 -25.73
CA ARG A 97 13.43 -5.64 -24.80
C ARG A 97 12.47 -4.66 -24.24
N THR A 98 11.21 -4.95 -24.35
CA THR A 98 10.10 -4.07 -24.04
C THR A 98 8.95 -4.89 -23.46
N VAL A 99 8.17 -4.29 -22.57
CA VAL A 99 6.95 -4.88 -22.04
C VAL A 99 5.79 -3.98 -22.44
N ASP A 100 4.73 -4.59 -22.99
CA ASP A 100 3.73 -3.88 -23.78
C ASP A 100 2.40 -3.70 -23.08
N THR A 101 2.32 -3.99 -21.78
CA THR A 101 0.99 -4.09 -21.17
C THR A 101 0.24 -2.76 -21.20
N GLY A 102 0.96 -1.62 -21.20
CA GLY A 102 0.30 -0.32 -21.19
C GLY A 102 0.17 0.36 -22.55
N ILE A 103 0.36 -0.39 -23.64
CA ILE A 103 0.45 0.22 -24.96
C ILE A 103 -0.80 1.03 -25.30
N ASP A 104 -1.97 0.52 -24.92
CA ASP A 104 -3.23 1.21 -25.23
C ASP A 104 -3.29 2.60 -24.60
N HIS A 105 -2.58 2.81 -23.49
CA HIS A 105 -2.51 4.12 -22.85
C HIS A 105 -1.31 4.92 -23.31
N GLY A 106 -0.54 4.41 -24.27
CA GLY A 106 0.62 5.11 -24.78
C GLY A 106 1.95 4.72 -24.17
N THR A 107 1.98 3.70 -23.31
CA THR A 107 3.17 3.40 -22.49
C THR A 107 3.81 2.08 -22.89
N VAL A 108 5.14 2.12 -23.03
CA VAL A 108 5.99 0.96 -23.25
C VAL A 108 7.05 0.96 -22.15
N LEU A 109 7.26 -0.20 -21.52
CA LEU A 109 8.33 -0.35 -20.53
C LEU A 109 9.59 -0.85 -21.23
N VAL A 110 10.64 -0.04 -21.20
CA VAL A 110 11.91 -0.34 -21.83
C VAL A 110 12.84 -0.96 -20.79
N LEU A 111 13.40 -2.14 -21.11
CA LEU A 111 14.30 -2.85 -20.22
C LEU A 111 15.71 -2.64 -20.73
N LEU A 112 16.54 -1.97 -19.93
CA LEU A 112 17.87 -1.58 -20.37
C LEU A 112 18.80 -1.49 -19.17
N ASP A 113 20.01 -2.02 -19.33
CA ASP A 113 21.03 -1.99 -18.28
C ASP A 113 20.49 -2.50 -16.94
N GLY A 114 19.58 -3.47 -16.98
CA GLY A 114 19.01 -4.01 -15.76
C GLY A 114 17.98 -3.14 -15.07
N GLU A 115 17.50 -2.08 -15.72
CA GLU A 115 16.47 -1.21 -15.18
C GLU A 115 15.24 -1.27 -16.07
N GLY A 116 14.14 -0.73 -15.56
CA GLY A 116 12.94 -0.56 -16.36
C GLY A 116 12.66 0.94 -16.43
N ILE A 117 12.37 1.44 -17.63
CA ILE A 117 12.08 2.86 -17.83
C ILE A 117 10.77 2.89 -18.62
N GLU A 118 9.72 3.46 -18.02
CA GLU A 118 8.47 3.65 -18.74
C GLU A 118 8.60 4.78 -19.74
N VAL A 119 8.25 4.51 -21.00
CA VAL A 119 8.28 5.51 -22.07
C VAL A 119 6.84 5.69 -22.54
N THR A 120 6.32 6.90 -22.39
CA THR A 120 4.91 7.17 -22.69
C THR A 120 4.81 8.30 -23.70
N THR A 121 3.99 8.11 -24.73
CA THR A 121 3.81 9.15 -25.73
C THR A 121 3.08 10.32 -25.10
N PHE A 122 3.31 11.52 -25.64
CA PHE A 122 2.53 12.67 -25.19
C PHE A 122 1.05 12.31 -25.23
N ARG A 123 0.36 12.44 -24.10
CA ARG A 123 -1.04 12.02 -24.04
C ARG A 123 -1.78 12.82 -22.98
N THR A 124 -3.12 12.78 -23.07
CA THR A 124 -4.00 13.18 -21.99
C THR A 124 -4.98 12.03 -21.71
N GLU A 125 -5.57 12.02 -20.52
CA GLU A 125 -6.48 10.98 -20.08
C GLU A 125 -7.68 11.60 -19.38
N SER A 126 -8.82 10.93 -19.45
CA SER A 126 -9.97 11.36 -18.68
C SER A 126 -10.68 10.14 -18.13
N SER A 127 -11.20 10.26 -16.92
CA SER A 127 -11.90 9.18 -16.25
C SER A 127 -13.38 9.46 -16.30
N TYR A 128 -14.14 8.45 -16.70
CA TYR A 128 -15.59 8.51 -16.70
C TYR A 128 -16.12 8.24 -15.30
N SER A 129 -17.31 8.78 -15.02
CA SER A 129 -17.93 8.52 -13.73
C SER A 129 -18.15 7.04 -13.50
N ASP A 130 -18.18 6.23 -14.57
CA ASP A 130 -18.21 4.77 -14.45
C ASP A 130 -16.77 4.26 -14.50
N ASN A 131 -16.27 3.70 -13.38
CA ASN A 131 -14.91 3.19 -13.33
C ASN A 131 -14.78 1.77 -13.85
N ARG A 132 -15.72 1.31 -14.68
CA ARG A 132 -15.58 0.10 -15.47
C ARG A 132 -14.98 0.37 -16.84
N ARG A 133 -15.28 1.53 -17.42
CA ARG A 133 -14.79 1.91 -18.75
C ARG A 133 -13.33 2.33 -18.65
N PRO A 134 -12.42 1.74 -19.45
CA PRO A 134 -11.01 2.15 -19.36
C PRO A 134 -10.90 3.64 -19.65
N ASP A 135 -9.79 4.21 -19.23
CA ASP A 135 -9.65 5.64 -19.38
C ASP A 135 -9.69 6.01 -20.87
N SER A 136 -10.39 7.10 -21.21
CA SER A 136 -10.31 7.67 -22.56
C SER A 136 -8.97 8.37 -22.74
N VAL A 137 -8.18 7.92 -23.71
CA VAL A 137 -6.79 8.32 -23.88
C VAL A 137 -6.66 9.02 -25.23
N GLU A 138 -6.08 10.22 -25.25
CA GLU A 138 -5.92 10.92 -26.52
C GLU A 138 -4.49 11.40 -26.79
N PHE A 139 -3.74 10.65 -27.58
CA PHE A 139 -2.37 11.06 -27.89
C PHE A 139 -2.40 12.49 -28.43
N VAL A 140 -1.45 13.29 -27.99
CA VAL A 140 -1.35 14.70 -28.38
C VAL A 140 0.04 14.89 -28.98
N LEU A 141 0.22 16.02 -29.66
CA LEU A 141 1.41 16.18 -30.47
C LEU A 141 2.51 17.01 -29.79
N SER A 142 2.27 17.58 -28.61
CA SER A 142 3.28 18.39 -27.95
C SER A 142 3.40 18.02 -26.47
N LEU A 143 4.59 18.30 -25.92
CA LEU A 143 4.83 18.04 -24.50
C LEU A 143 3.89 18.86 -23.62
N GLU A 144 3.70 20.14 -23.95
CA GLU A 144 2.97 20.98 -23.01
C GLU A 144 1.47 20.64 -22.99
N GLU A 145 0.93 20.08 -24.08
CA GLU A 145 -0.42 19.53 -24.03
C GLU A 145 -0.52 18.37 -23.04
N ASP A 146 0.55 17.60 -22.90
CA ASP A 146 0.60 16.53 -21.91
C ASP A 146 0.77 17.10 -20.51
N LEU A 147 1.73 18.00 -20.32
CA LEU A 147 2.01 18.53 -18.98
C LEU A 147 0.82 19.28 -18.40
N ARG A 148 0.05 19.98 -19.24
CA ARG A 148 -0.95 20.88 -18.68
C ARG A 148 -2.16 20.15 -18.10
N ARG A 149 -2.23 18.82 -18.22
CA ARG A 149 -3.31 18.06 -17.63
C ARG A 149 -2.85 17.14 -16.51
N ARG A 150 -1.61 17.28 -16.03
CA ARG A 150 -1.16 16.49 -14.90
C ARG A 150 -1.71 17.08 -13.60
N ASP A 151 -1.55 16.34 -12.50
CA ASP A 151 -2.29 16.69 -11.28
C ASP A 151 -1.74 17.95 -10.60
N PHE A 152 -0.44 17.99 -10.27
CA PHE A 152 0.10 19.09 -9.46
C PHE A 152 1.35 19.68 -10.12
N THR A 153 1.59 20.98 -9.87
CA THR A 153 2.68 21.69 -10.54
C THR A 153 4.02 21.01 -10.31
N ILE A 154 4.30 20.53 -9.10
CA ILE A 154 5.57 19.86 -8.85
C ILE A 154 5.71 18.55 -9.62
N ASN A 155 4.60 17.98 -10.11
CA ASN A 155 4.61 16.77 -10.91
C ASN A 155 4.48 17.06 -12.39
N ALA A 156 4.47 18.33 -12.79
CA ALA A 156 4.17 18.71 -14.16
C ALA A 156 5.37 19.39 -14.81
N MET A 157 6.57 18.94 -14.45
CA MET A 157 7.80 19.45 -15.03
C MET A 157 8.46 18.37 -15.88
N ALA A 158 9.36 18.82 -16.75
CA ALA A 158 10.14 17.94 -17.61
C ALA A 158 11.60 18.38 -17.55
N MET A 159 12.50 17.43 -17.80
CA MET A 159 13.92 17.72 -17.83
C MET A 159 14.51 17.17 -19.12
N THR A 160 15.27 18.01 -19.82
CA THR A 160 15.89 17.57 -21.06
C THR A 160 17.14 16.75 -20.75
N GLU A 161 17.68 16.12 -21.82
CA GLU A 161 18.93 15.40 -21.72
C GLU A 161 20.06 16.25 -21.16
N ASP A 162 20.03 17.57 -21.43
CA ASP A 162 21.07 18.48 -20.93
C ASP A 162 20.72 19.13 -19.60
N LEU A 163 19.74 18.59 -18.86
CA LEU A 163 19.37 19.04 -17.52
C LEU A 163 18.68 20.39 -17.53
N LYS A 164 18.07 20.78 -18.65
CA LYS A 164 17.29 22.00 -18.64
C LYS A 164 15.89 21.61 -18.14
N ILE A 165 15.32 22.43 -17.25
CA ILE A 165 14.00 22.17 -16.68
C ILE A 165 12.95 22.92 -17.49
N ILE A 166 11.95 22.20 -17.96
CA ILE A 166 10.79 22.79 -18.62
C ILE A 166 9.68 22.83 -17.57
N ASP A 167 9.20 24.04 -17.24
CA ASP A 167 8.31 24.23 -16.10
C ASP A 167 7.28 25.31 -16.39
N PRO A 168 6.33 25.01 -17.29
CA PRO A 168 5.34 26.04 -17.65
C PRO A 168 4.45 26.49 -16.50
N PHE A 169 4.30 25.71 -15.43
CA PHE A 169 3.27 25.97 -14.43
C PHE A 169 3.84 26.33 -13.07
N GLY A 170 5.14 26.65 -13.00
CA GLY A 170 5.69 27.13 -11.75
C GLY A 170 5.95 26.06 -10.72
N GLY A 171 6.15 24.80 -11.15
CA GLY A 171 6.48 23.77 -10.21
C GLY A 171 7.73 24.05 -9.39
N LYS A 172 8.73 24.72 -10.00
CA LYS A 172 9.95 24.96 -9.23
C LYS A 172 9.68 25.90 -8.06
N GLU A 173 8.86 26.94 -8.25
CA GLU A 173 8.60 27.79 -7.11
C GLU A 173 7.68 27.09 -6.10
N ASP A 174 6.70 26.29 -6.53
CA ASP A 174 5.90 25.53 -5.55
C ASP A 174 6.75 24.53 -4.80
N LEU A 175 7.73 23.92 -5.48
CA LEU A 175 8.65 23.02 -4.79
C LEU A 175 9.46 23.79 -3.74
N LYS A 176 9.96 24.97 -4.09
CA LYS A 176 10.74 25.72 -3.11
C LYS A 176 9.85 26.19 -1.96
N ASN A 177 8.61 26.57 -2.22
CA ASN A 177 7.73 26.99 -1.14
C ASN A 177 7.03 25.82 -0.45
N LYS A 178 7.27 24.58 -0.90
CA LYS A 178 6.67 23.38 -0.28
C LYS A 178 5.15 23.42 -0.38
N VAL A 179 4.64 23.61 -1.60
CA VAL A 179 3.22 23.79 -1.87
C VAL A 179 2.75 22.76 -2.90
N ILE A 180 1.70 22.02 -2.55
CA ILE A 180 0.98 21.13 -3.48
C ILE A 180 -0.15 21.93 -4.11
N ARG A 181 -0.02 22.23 -5.40
CA ARG A 181 -0.97 23.08 -6.11
C ARG A 181 -1.37 22.39 -7.41
N ALA A 182 -2.68 22.30 -7.65
CA ALA A 182 -3.14 21.72 -8.91
C ALA A 182 -2.60 22.52 -10.10
N VAL A 183 -2.37 21.82 -11.22
CA VAL A 183 -2.04 22.49 -12.47
C VAL A 183 -3.28 23.16 -13.04
N GLY A 184 -3.17 24.44 -13.40
CA GLY A 184 -4.27 25.10 -14.08
C GLY A 184 -5.45 25.25 -13.13
N ASP A 185 -6.63 24.95 -13.65
CA ASP A 185 -7.87 25.05 -12.88
C ASP A 185 -8.03 23.81 -12.00
N PRO A 186 -7.95 23.91 -10.68
CA PRO A 186 -8.06 22.70 -9.86
C PRO A 186 -9.36 21.95 -10.07
N ASP A 187 -10.48 22.64 -10.33
CA ASP A 187 -11.73 21.95 -10.59
C ASP A 187 -11.60 21.00 -11.78
N GLU A 188 -10.88 21.42 -12.83
CA GLU A 188 -10.73 20.56 -13.99
C GLU A 188 -9.87 19.33 -13.67
N ARG A 189 -8.75 19.53 -12.97
CA ARG A 189 -7.90 18.38 -12.61
C ARG A 189 -8.68 17.36 -11.79
N PHE A 190 -9.53 17.81 -10.86
CA PHE A 190 -10.21 16.85 -10.00
C PHE A 190 -11.41 16.21 -10.71
N GLU A 191 -12.01 16.89 -11.68
CA GLU A 191 -13.03 16.26 -12.51
C GLU A 191 -12.41 15.24 -13.45
N GLU A 192 -11.17 15.46 -13.89
CA GLU A 192 -10.51 14.49 -14.76
C GLU A 192 -10.20 13.20 -14.01
N ASP A 193 -9.85 13.28 -12.73
CA ASP A 193 -9.56 12.07 -11.95
C ASP A 193 -9.76 12.55 -10.51
N ALA A 194 -10.77 11.97 -9.84
CA ALA A 194 -11.11 12.37 -8.47
C ALA A 194 -10.08 11.79 -7.50
N LEU A 195 -9.36 10.72 -7.89
CA LEU A 195 -8.34 10.20 -6.99
C LEU A 195 -7.26 11.24 -6.70
N ARG A 196 -7.05 12.18 -7.62
CA ARG A 196 -6.08 13.24 -7.39
C ARG A 196 -6.37 14.02 -6.11
N MET A 197 -7.63 14.12 -5.71
CA MET A 197 -7.94 14.80 -4.46
C MET A 197 -7.25 14.11 -3.29
N LEU A 198 -7.28 12.78 -3.27
CA LEU A 198 -6.64 12.01 -2.21
C LEU A 198 -5.13 11.95 -2.39
N ARG A 199 -4.66 11.96 -3.64
CA ARG A 199 -3.22 12.05 -3.88
C ARG A 199 -2.65 13.32 -3.28
N ALA A 200 -3.38 14.44 -3.36
CA ALA A 200 -2.90 15.66 -2.73
C ALA A 200 -2.66 15.45 -1.24
N ILE A 201 -3.61 14.82 -0.55
CA ILE A 201 -3.46 14.52 0.87
C ILE A 201 -2.20 13.69 1.09
N ARG A 202 -2.03 12.63 0.29
CA ARG A 202 -0.90 11.73 0.48
C ARG A 202 0.42 12.46 0.25
N PHE A 203 0.50 13.30 -0.80
CA PHE A 203 1.73 14.04 -1.05
C PHE A 203 2.07 14.97 0.10
N SER A 204 1.07 15.57 0.75
CA SER A 204 1.36 16.51 1.83
C SER A 204 2.22 15.85 2.90
N GLY A 205 1.89 14.62 3.28
CA GLY A 205 2.67 13.90 4.27
C GLY A 205 3.99 13.36 3.73
N GLN A 206 3.94 12.80 2.52
CA GLN A 206 5.14 12.23 1.92
C GLN A 206 6.25 13.29 1.78
N LEU A 207 5.89 14.50 1.41
CA LEU A 207 6.87 15.55 1.13
C LEU A 207 7.01 16.56 2.28
N ASP A 208 6.13 16.51 3.28
CA ASP A 208 6.00 17.57 4.28
C ASP A 208 5.73 18.91 3.61
N PHE A 209 4.76 18.92 2.70
CA PHE A 209 4.25 20.11 2.05
C PHE A 209 2.88 20.46 2.61
N ILE A 210 2.45 21.68 2.35
CA ILE A 210 1.07 22.08 2.59
C ILE A 210 0.32 22.02 1.26
N ILE A 211 -1.00 22.00 1.34
CA ILE A 211 -1.84 22.02 0.15
C ILE A 211 -2.25 23.45 -0.14
N ASP A 212 -2.01 23.88 -1.38
CA ASP A 212 -2.40 25.21 -1.84
C ASP A 212 -3.86 25.50 -1.46
N MET A 213 -4.11 26.72 -0.98
CA MET A 213 -5.44 27.04 -0.45
C MET A 213 -6.52 26.91 -1.53
N LYS A 214 -6.31 27.52 -2.69
CA LYS A 214 -7.30 27.39 -3.74
C LYS A 214 -7.52 25.92 -4.11
N THR A 215 -6.43 25.14 -4.13
CA THR A 215 -6.55 23.72 -4.44
C THR A 215 -7.37 23.00 -3.37
N LEU A 216 -7.08 23.28 -2.10
CA LEU A 216 -7.79 22.62 -1.00
C LEU A 216 -9.27 22.96 -1.01
N LEU A 217 -9.60 24.23 -1.24
CA LEU A 217 -11.00 24.62 -1.35
C LEU A 217 -11.69 23.91 -2.50
N SER A 218 -10.96 23.68 -3.60
CA SER A 218 -11.54 22.91 -4.70
C SER A 218 -11.78 21.46 -4.29
N ILE A 219 -10.87 20.86 -3.51
CA ILE A 219 -11.15 19.49 -3.04
C ILE A 219 -12.43 19.46 -2.25
N ARG A 220 -12.59 20.42 -1.33
CA ARG A 220 -13.79 20.46 -0.50
C ARG A 220 -15.05 20.52 -1.35
N ARG A 221 -15.04 21.32 -2.42
CA ARG A 221 -16.20 21.43 -3.28
C ARG A 221 -16.45 20.16 -4.09
N HIS A 222 -15.39 19.40 -4.42
CA HIS A 222 -15.54 18.24 -5.29
C HIS A 222 -15.41 16.91 -4.56
N ALA A 223 -15.39 16.93 -3.22
CA ALA A 223 -15.07 15.72 -2.47
C ALA A 223 -16.06 14.59 -2.75
N ARG A 224 -17.31 14.92 -3.11
CA ARG A 224 -18.32 13.91 -3.40
C ARG A 224 -17.90 13.01 -4.55
N LEU A 225 -17.13 13.55 -5.49
CA LEU A 225 -16.68 12.78 -6.64
C LEU A 225 -15.84 11.57 -6.25
N ILE A 226 -15.31 11.53 -5.02
CA ILE A 226 -14.48 10.39 -4.65
C ILE A 226 -15.29 9.08 -4.70
N ARG A 227 -16.62 9.16 -4.64
CA ARG A 227 -17.43 7.94 -4.65
C ARG A 227 -17.26 7.15 -5.94
N PHE A 228 -16.83 7.80 -7.03
CA PHE A 228 -16.66 7.11 -8.29
C PHE A 228 -15.33 6.37 -8.42
N ILE A 229 -14.43 6.48 -7.47
CA ILE A 229 -13.09 5.90 -7.60
C ILE A 229 -13.09 4.47 -7.08
N ALA A 230 -12.45 3.57 -7.83
CA ALA A 230 -12.34 2.19 -7.40
C ALA A 230 -11.69 2.10 -6.04
N VAL A 231 -12.27 1.27 -5.16
CA VAL A 231 -11.83 1.21 -3.78
C VAL A 231 -10.40 0.71 -3.66
N GLU A 232 -9.93 -0.06 -4.66
CA GLU A 232 -8.52 -0.51 -4.65
C GLU A 232 -7.55 0.67 -4.76
N ARG A 233 -7.90 1.69 -5.55
CA ARG A 233 -7.06 2.88 -5.65
C ARG A 233 -7.13 3.71 -4.38
N LEU A 234 -8.31 3.79 -3.75
CA LEU A 234 -8.40 4.49 -2.47
C LEU A 234 -7.51 3.81 -1.44
N LYS A 235 -7.60 2.49 -1.33
CA LYS A 235 -6.82 1.78 -0.33
C LYS A 235 -5.32 1.96 -0.57
N SER A 236 -4.91 1.93 -1.84
CA SER A 236 -3.50 2.10 -2.16
C SER A 236 -2.98 3.44 -1.64
N GLU A 237 -3.76 4.51 -1.81
CA GLU A 237 -3.32 5.82 -1.33
C GLU A 237 -3.31 5.89 0.18
N ILE A 238 -4.34 5.33 0.83
CA ILE A 238 -4.41 5.35 2.28
C ILE A 238 -3.28 4.53 2.88
N ASP A 239 -2.95 3.39 2.27
CA ASP A 239 -1.83 2.59 2.77
C ASP A 239 -0.54 3.40 2.73
N LYS A 240 -0.33 4.20 1.68
CA LYS A 240 0.84 5.07 1.61
C LYS A 240 0.84 6.07 2.76
N ILE A 241 -0.30 6.76 2.96
CA ILE A 241 -0.39 7.72 4.06
C ILE A 241 -0.02 7.08 5.39
N PHE A 242 -0.46 5.84 5.60
CA PHE A 242 -0.29 5.15 6.88
C PHE A 242 1.17 4.87 7.20
N VAL A 243 2.03 4.72 6.20
CA VAL A 243 3.44 4.43 6.44
C VAL A 243 4.35 5.62 6.19
N ASN A 244 3.82 6.75 5.70
CA ASN A 244 4.64 7.92 5.35
C ASN A 244 4.80 8.85 6.53
N PRO A 245 5.75 9.78 6.43
CA PRO A 245 5.95 10.76 7.50
C PRO A 245 4.78 11.71 7.60
N SER A 246 4.76 12.46 8.70
CA SER A 246 3.74 13.50 8.93
C SER A 246 2.33 12.97 8.68
N MET A 247 2.07 11.72 9.09
CA MET A 247 0.76 11.16 8.79
C MET A 247 -0.35 11.88 9.55
N GLN A 248 -0.06 12.39 10.75
CA GLN A 248 -1.09 13.13 11.49
C GLN A 248 -1.57 14.37 10.72
N LYS A 249 -0.67 15.02 9.99
CA LYS A 249 -1.03 16.15 9.12
C LYS A 249 -1.86 15.69 7.93
N SER A 250 -1.49 14.54 7.35
CA SER A 250 -2.30 13.98 6.28
C SER A 250 -3.72 13.68 6.75
N MET A 251 -3.85 13.08 7.94
CA MET A 251 -5.19 12.72 8.41
C MET A 251 -6.01 13.96 8.75
N ALA A 252 -5.35 15.07 9.14
CA ALA A 252 -6.09 16.30 9.37
C ALA A 252 -6.57 16.89 8.04
N TYR A 253 -5.73 16.83 7.01
CA TYR A 253 -6.20 17.25 5.69
C TYR A 253 -7.32 16.35 5.18
N LEU A 254 -7.23 15.05 5.46
CA LEU A 254 -8.31 14.14 5.04
C LEU A 254 -9.66 14.63 5.56
N LYS A 255 -9.70 15.06 6.81
CA LYS A 255 -10.94 15.59 7.40
C LYS A 255 -11.25 17.00 6.88
N ASP A 256 -10.24 17.90 6.92
CA ASP A 256 -10.48 19.29 6.52
C ASP A 256 -10.89 19.39 5.07
N SER A 257 -10.43 18.46 4.23
CA SER A 257 -10.77 18.47 2.81
C SER A 257 -12.17 17.96 2.53
N VAL A 258 -12.88 17.46 3.56
CA VAL A 258 -14.21 16.85 3.45
C VAL A 258 -14.09 15.58 2.60
N LEU A 259 -12.98 14.88 2.67
CA LEU A 259 -12.92 13.59 1.98
C LEU A 259 -13.47 12.56 2.98
N THR A 260 -13.26 12.77 4.27
CA THR A 260 -13.77 11.79 5.24
C THR A 260 -15.30 11.76 5.28
N ARG A 261 -15.97 12.79 4.77
CA ARG A 261 -17.43 12.75 4.69
C ARG A 261 -17.90 11.73 3.66
N PHE A 262 -17.12 11.51 2.60
CA PHE A 262 -17.59 10.74 1.46
C PHE A 262 -16.81 9.47 1.16
N LEU A 263 -15.59 9.32 1.68
CA LEU A 263 -14.87 8.06 1.53
C LEU A 263 -15.68 6.91 2.13
N PRO A 264 -15.46 5.68 1.66
CA PRO A 264 -16.09 4.53 2.31
C PRO A 264 -15.76 4.52 3.79
N VAL A 265 -16.82 4.37 4.61
CA VAL A 265 -16.81 4.54 6.07
C VAL A 265 -15.83 5.64 6.51
N GLY A 266 -15.87 6.77 5.81
CA GLY A 266 -14.83 7.79 5.96
C GLY A 266 -14.75 8.40 7.36
N GLY A 267 -15.88 8.46 8.07
CA GLY A 267 -15.86 8.98 9.41
C GLY A 267 -14.94 8.22 10.35
N LEU A 268 -14.68 6.93 10.07
CA LEU A 268 -13.80 6.15 10.93
C LEU A 268 -12.34 6.60 10.87
N PHE A 269 -11.94 7.36 9.86
CA PHE A 269 -10.58 7.90 9.85
C PHE A 269 -10.40 9.06 10.81
N GLU A 270 -11.47 9.59 11.38
CA GLU A 270 -11.39 10.75 12.29
C GLU A 270 -11.19 10.23 13.71
N VAL A 271 -10.01 9.67 13.95
CA VAL A 271 -9.61 9.26 15.29
C VAL A 271 -8.42 10.13 15.66
N ASP A 272 -8.01 10.04 16.92
CA ASP A 272 -6.80 10.72 17.37
C ASP A 272 -5.59 9.90 16.95
N TRP A 273 -4.75 10.46 16.09
CA TRP A 273 -3.60 9.74 15.55
C TRP A 273 -2.29 10.05 16.28
N ILE A 274 -2.34 10.79 17.40
CA ILE A 274 -1.22 11.25 18.22
C ILE A 274 -0.19 10.15 18.45
N THR A 275 -0.77 9.10 19.05
CA THR A 275 0.05 7.98 19.51
C THR A 275 0.24 6.88 18.46
N TYR A 276 -0.09 7.15 17.19
CA TYR A 276 0.19 6.21 16.12
C TYR A 276 1.62 6.40 15.63
N HIS A 277 2.37 5.29 15.57
CA HIS A 277 3.72 5.28 15.01
C HIS A 277 3.85 4.07 14.10
N THR A 278 4.08 4.32 12.81
CA THR A 278 4.07 3.24 11.84
C THR A 278 5.18 2.23 12.14
N ASP A 279 4.88 0.97 11.89
CA ASP A 279 5.89 -0.08 11.89
C ASP A 279 6.38 -0.40 10.48
N GLY A 280 6.04 0.42 9.49
CA GLY A 280 6.34 0.13 8.11
C GLY A 280 5.30 -0.69 7.38
N ASN A 281 4.34 -1.26 8.10
CA ASN A 281 3.29 -2.10 7.52
C ASN A 281 2.00 -1.31 7.53
N PRO A 282 1.38 -1.01 6.39
CA PRO A 282 0.15 -0.21 6.42
C PRO A 282 -0.98 -0.89 7.18
N THR A 283 -0.96 -2.21 7.32
CA THR A 283 -2.02 -2.89 8.06
C THR A 283 -2.11 -2.37 9.49
N TYR A 284 -0.99 -1.97 10.08
CA TYR A 284 -1.04 -1.46 11.44
C TYR A 284 -1.87 -0.18 11.54
N GLY A 285 -1.90 0.63 10.48
CA GLY A 285 -2.79 1.81 10.49
C GLY A 285 -4.26 1.43 10.59
N TRP A 286 -4.67 0.42 9.82
CA TRP A 286 -6.06 -0.04 9.89
C TRP A 286 -6.37 -0.64 11.25
N LEU A 287 -5.44 -1.43 11.81
CA LEU A 287 -5.63 -1.98 13.15
C LEU A 287 -5.74 -0.87 14.19
N TYR A 288 -4.88 0.11 14.12
CA TYR A 288 -4.89 1.22 15.04
C TYR A 288 -6.22 1.94 15.01
N LEU A 289 -6.69 2.22 13.80
CA LEU A 289 -7.96 2.91 13.60
C LEU A 289 -9.11 2.17 14.27
N LEU A 290 -9.16 0.86 14.05
CA LEU A 290 -10.22 0.02 14.62
C LEU A 290 -10.13 -0.09 16.13
N HIS A 291 -8.92 -0.27 16.64
CA HIS A 291 -8.74 -0.39 18.09
C HIS A 291 -9.12 0.89 18.82
N GLN A 292 -8.71 2.05 18.28
CA GLN A 292 -9.04 3.32 18.90
C GLN A 292 -10.54 3.51 19.07
N GLN A 293 -11.34 2.99 18.16
CA GLN A 293 -12.78 3.17 18.20
C GLN A 293 -13.51 1.95 18.72
N LYS A 294 -12.79 0.94 19.20
CA LYS A 294 -13.43 -0.28 19.67
C LYS A 294 -14.34 -0.88 18.60
N ARG A 295 -13.86 -0.89 17.36
CA ARG A 295 -14.60 -1.47 16.25
C ARG A 295 -13.89 -2.71 15.72
N GLN A 296 -14.63 -3.46 14.90
CA GLN A 296 -14.20 -4.75 14.37
C GLN A 296 -13.93 -4.67 12.88
N PHE A 297 -13.31 -5.73 12.35
CA PHE A 297 -12.87 -5.68 10.96
C PHE A 297 -14.02 -5.46 9.99
N THR A 298 -15.22 -5.97 10.30
CA THR A 298 -16.31 -5.86 9.34
C THR A 298 -16.62 -4.41 9.00
N ASP A 299 -16.31 -3.47 9.90
CA ASP A 299 -16.62 -2.08 9.60
C ASP A 299 -15.77 -1.48 8.49
N ILE A 300 -14.61 -2.07 8.18
CA ILE A 300 -13.77 -1.52 7.11
C ILE A 300 -13.70 -2.45 5.91
N LYS A 301 -14.57 -3.47 5.85
CA LYS A 301 -14.38 -4.47 4.80
C LYS A 301 -14.66 -3.93 3.40
N ASP A 302 -15.28 -2.75 3.27
CA ASP A 302 -15.46 -2.14 1.95
C ASP A 302 -14.14 -1.96 1.20
N TYR A 303 -13.01 -1.85 1.91
CA TYR A 303 -11.74 -1.59 1.22
C TYR A 303 -11.11 -2.84 0.60
N ARG A 304 -11.75 -4.00 0.70
CA ARG A 304 -11.38 -5.21 -0.06
C ARG A 304 -9.98 -5.73 0.28
N PHE A 305 -9.79 -6.00 1.57
CA PHE A 305 -8.52 -6.56 2.04
C PHE A 305 -8.30 -7.98 1.54
N SER A 306 -7.04 -8.36 1.39
CA SER A 306 -6.72 -9.75 1.12
C SER A 306 -7.10 -10.60 2.33
N ASN A 307 -7.31 -11.90 2.10
CA ASN A 307 -7.60 -12.77 3.23
C ASN A 307 -6.47 -12.71 4.25
N GLU A 308 -5.23 -12.55 3.78
CA GLU A 308 -4.08 -12.52 4.65
C GLU A 308 -4.06 -11.23 5.48
N GLU A 309 -4.37 -10.13 4.87
CA GLU A 309 -4.43 -8.89 5.59
C GLU A 309 -5.59 -8.92 6.57
N LYS A 310 -6.73 -9.39 6.15
CA LYS A 310 -7.90 -9.51 7.03
C LYS A 310 -7.57 -10.34 8.26
N ARG A 311 -6.88 -11.46 8.07
CA ARG A 311 -6.55 -12.33 9.19
C ARG A 311 -5.66 -11.64 10.20
N LEU A 312 -4.61 -10.95 9.73
CA LEU A 312 -3.72 -10.21 10.63
C LEU A 312 -4.51 -9.24 11.50
N ILE A 313 -5.40 -8.46 10.89
CA ILE A 313 -6.21 -7.51 11.64
C ILE A 313 -7.10 -8.23 12.65
N GLU A 314 -7.89 -9.22 12.19
CA GLU A 314 -8.86 -9.86 13.07
C GLU A 314 -8.18 -10.58 14.22
N LYS A 315 -7.08 -11.29 13.94
CA LYS A 315 -6.40 -12.00 15.01
C LYS A 315 -5.67 -11.04 15.96
N SER A 316 -5.16 -9.93 15.42
CA SER A 316 -4.56 -8.92 16.32
C SER A 316 -5.62 -8.32 17.24
N LEU A 317 -6.80 -8.01 16.71
CA LEU A 317 -7.86 -7.45 17.55
C LEU A 317 -8.31 -8.44 18.62
N GLU A 318 -8.46 -9.72 18.27
CA GLU A 318 -8.74 -10.73 19.29
C GLU A 318 -7.74 -10.62 20.45
N LEU A 319 -6.45 -10.56 20.12
CA LEU A 319 -5.43 -10.50 21.16
C LEU A 319 -5.60 -9.26 22.04
N THR A 320 -6.00 -8.13 21.45
CA THR A 320 -6.14 -6.93 22.28
C THR A 320 -7.28 -7.06 23.27
N ALA A 321 -8.27 -7.91 22.99
CA ALA A 321 -9.38 -8.14 23.90
C ALA A 321 -9.15 -9.33 24.82
N LEU A 322 -7.99 -9.99 24.72
CA LEU A 322 -7.68 -11.15 25.54
C LEU A 322 -6.96 -10.68 26.79
N ASN A 323 -7.56 -10.93 27.95
CA ASN A 323 -7.03 -10.28 29.15
C ASN A 323 -5.66 -10.86 29.53
N THR A 324 -5.45 -12.16 29.42
CA THR A 324 -4.15 -12.75 29.78
C THR A 324 -3.65 -13.62 28.64
N TRP A 325 -2.40 -13.38 28.24
CA TRP A 325 -1.72 -14.21 27.26
C TRP A 325 -0.86 -15.23 28.01
N ASP A 326 -1.01 -16.50 27.66
CA ASP A 326 -0.18 -17.53 28.28
C ASP A 326 0.39 -18.40 27.16
N GLN A 327 1.03 -19.50 27.55
CA GLN A 327 1.73 -20.34 26.56
C GLN A 327 0.86 -20.72 25.36
N TRP A 328 -0.41 -21.01 25.61
CA TRP A 328 -1.32 -21.39 24.52
C TRP A 328 -1.59 -20.22 23.58
N THR A 329 -1.69 -19.01 24.14
CA THR A 329 -1.75 -17.80 23.32
C THR A 329 -0.54 -17.69 22.41
N PHE A 330 0.67 -17.76 22.98
CA PHE A 330 1.87 -17.57 22.17
C PHE A 330 2.02 -18.70 21.15
N TYR A 331 1.52 -19.90 21.46
CA TYR A 331 1.62 -21.02 20.55
C TYR A 331 0.70 -20.85 19.35
N LYS A 332 -0.57 -20.48 19.59
CA LYS A 332 -1.59 -20.54 18.54
C LYS A 332 -1.58 -19.31 17.63
N TYR A 333 -1.17 -18.15 18.14
CA TYR A 333 -1.10 -16.94 17.34
C TYR A 333 0.27 -16.78 16.69
N THR A 334 0.32 -16.04 15.59
CA THR A 334 1.60 -15.80 14.94
C THR A 334 2.35 -14.67 15.65
N LEU A 335 3.67 -14.69 15.49
CA LEU A 335 4.49 -13.63 16.08
C LEU A 335 4.09 -12.26 15.54
N LYS A 336 3.74 -12.17 14.26
CA LYS A 336 3.34 -10.86 13.76
C LYS A 336 2.01 -10.41 14.37
N GLN A 337 1.09 -11.32 14.67
CA GLN A 337 -0.13 -10.91 15.35
C GLN A 337 0.15 -10.49 16.79
N LEU A 338 0.97 -11.28 17.51
CA LEU A 338 1.35 -10.91 18.86
C LEU A 338 2.03 -9.53 18.87
N GLU A 339 2.94 -9.29 17.93
CA GLU A 339 3.65 -8.01 17.90
C GLU A 339 2.71 -6.85 17.58
N MET A 340 1.78 -7.03 16.64
CA MET A 340 0.89 -5.93 16.28
C MET A 340 -0.08 -5.60 17.41
N ALA A 341 -0.65 -6.64 18.03
CA ALA A 341 -1.50 -6.43 19.19
C ALA A 341 -0.73 -5.73 20.32
N SER A 342 0.52 -6.12 20.54
CA SER A 342 1.33 -5.48 21.59
C SER A 342 1.57 -4.02 21.25
N ARG A 343 1.89 -3.74 19.99
CA ARG A 343 2.18 -2.39 19.56
C ARG A 343 1.00 -1.47 19.81
N VAL A 344 -0.22 -1.94 19.52
CA VAL A 344 -1.37 -1.06 19.60
C VAL A 344 -1.91 -0.91 21.01
N THR A 345 -1.55 -1.83 21.91
CA THR A 345 -1.90 -1.68 23.32
C THR A 345 -0.77 -1.05 24.14
N GLY A 346 0.39 -0.81 23.53
CA GLY A 346 1.48 -0.13 24.20
C GLY A 346 2.42 -1.02 25.00
N LYS A 347 2.33 -2.33 24.88
CA LYS A 347 3.25 -3.22 25.58
C LYS A 347 4.56 -3.35 24.82
N LYS A 348 5.58 -3.76 25.55
CA LYS A 348 6.93 -3.89 25.01
C LYS A 348 7.66 -5.18 25.33
N LYS A 349 6.95 -6.26 25.48
CA LYS A 349 7.58 -7.52 25.87
C LYS A 349 8.44 -8.07 24.72
N ASP A 350 9.34 -8.98 25.08
CA ASP A 350 10.14 -9.72 24.10
C ASP A 350 9.32 -10.92 23.63
N LEU A 351 8.40 -10.64 22.71
CA LEU A 351 7.45 -11.66 22.26
C LEU A 351 8.16 -12.80 21.56
N ALA A 352 9.17 -12.50 20.74
CA ALA A 352 9.84 -13.54 19.98
C ALA A 352 10.48 -14.58 20.89
N ALA A 353 11.07 -14.14 22.01
CA ALA A 353 11.76 -15.06 22.89
C ALA A 353 10.78 -15.98 23.60
N ILE A 354 9.63 -15.44 24.00
CA ILE A 354 8.61 -16.24 24.68
C ILE A 354 8.10 -17.33 23.73
N LYS A 355 7.76 -16.95 22.50
CA LYS A 355 7.26 -17.93 21.53
C LYS A 355 8.32 -18.98 21.22
N ARG A 356 9.58 -18.53 21.10
CA ARG A 356 10.67 -19.43 20.72
C ARG A 356 10.93 -20.49 21.80
N GLN A 357 10.65 -20.19 23.07
CA GLN A 357 10.99 -21.08 24.17
C GLN A 357 9.83 -21.99 24.59
N LEU A 358 8.79 -22.11 23.76
CA LEU A 358 7.76 -23.09 24.00
C LEU A 358 8.32 -24.49 23.70
N PRO A 359 7.72 -25.53 24.28
CA PRO A 359 8.24 -26.89 24.02
C PRO A 359 8.12 -27.31 22.56
N ILE A 360 7.08 -26.85 21.85
CA ILE A 360 6.93 -27.09 20.42
C ILE A 360 6.42 -25.82 19.78
N GLN A 361 6.66 -25.70 18.47
CA GLN A 361 6.23 -24.54 17.70
C GLN A 361 4.90 -24.72 16.98
N SER A 362 4.55 -25.93 16.54
CA SER A 362 3.32 -26.10 15.78
C SER A 362 2.87 -27.57 15.79
N ARG A 363 1.64 -27.77 15.33
CA ARG A 363 0.98 -29.07 15.36
C ARG A 363 1.80 -30.17 14.68
N SER A 364 2.57 -29.82 13.64
CA SER A 364 3.29 -30.85 12.90
C SER A 364 4.37 -31.52 13.73
N GLU A 365 4.78 -30.93 14.85
CA GLU A 365 5.74 -31.57 15.74
C GLU A 365 5.09 -32.53 16.73
N LEU A 366 3.77 -32.53 16.85
CA LEU A 366 3.12 -33.39 17.84
C LEU A 366 3.43 -34.86 17.56
N ALA A 367 3.74 -35.59 18.62
CA ALA A 367 4.19 -36.98 18.48
C ALA A 367 3.03 -37.97 18.28
N VAL A 368 1.79 -37.50 18.20
CA VAL A 368 0.62 -38.35 18.08
C VAL A 368 -0.33 -37.73 17.06
N ASP A 369 -1.17 -38.56 16.44
CA ASP A 369 -2.19 -38.07 15.51
C ASP A 369 -3.45 -38.89 15.71
N GLY A 370 -4.51 -38.50 14.98
CA GLY A 370 -5.81 -39.13 15.16
C GLY A 370 -5.78 -40.64 14.98
N TRP A 371 -4.90 -41.14 14.12
CA TRP A 371 -4.91 -42.59 13.92
C TRP A 371 -4.28 -43.34 15.10
N ASP A 372 -3.38 -42.70 15.85
CA ASP A 372 -2.96 -43.28 17.12
C ASP A 372 -4.14 -43.40 18.08
N LEU A 373 -4.96 -42.34 18.16
CA LEU A 373 -6.11 -42.38 19.07
C LEU A 373 -7.12 -43.44 18.65
N ILE A 374 -7.37 -43.58 17.34
CA ILE A 374 -8.26 -44.65 16.87
C ILE A 374 -7.77 -46.01 17.36
N GLU A 375 -6.47 -46.29 17.19
CA GLU A 375 -5.91 -47.56 17.64
C GLU A 375 -6.11 -47.78 19.13
N TRP A 376 -5.72 -46.79 19.94
CA TRP A 376 -5.74 -46.94 21.39
C TRP A 376 -7.16 -47.02 21.92
N SER A 377 -8.09 -46.27 21.31
CA SER A 377 -9.46 -46.26 21.77
C SER A 377 -10.27 -47.47 21.30
N GLY A 378 -9.94 -48.02 20.14
CA GLY A 378 -10.88 -48.95 19.53
C GLY A 378 -12.16 -48.34 19.01
N ALA A 379 -12.25 -47.01 18.97
CA ALA A 379 -13.40 -46.31 18.43
C ALA A 379 -13.12 -45.85 16.99
N LYS A 380 -14.18 -45.71 16.21
CA LYS A 380 -14.05 -45.30 14.81
C LYS A 380 -13.74 -43.81 14.70
N SER A 381 -13.06 -43.45 13.62
CA SER A 381 -12.78 -42.04 13.32
C SER A 381 -14.04 -41.20 13.42
N GLY A 382 -13.90 -39.99 13.97
CA GLY A 382 -14.98 -39.05 14.12
C GLY A 382 -14.48 -37.70 14.62
N PRO A 383 -15.36 -36.70 14.69
CA PRO A 383 -14.92 -35.38 15.18
C PRO A 383 -14.31 -35.42 16.59
N TRP A 384 -14.59 -36.45 17.38
CA TRP A 384 -14.01 -36.54 18.72
C TRP A 384 -12.49 -36.49 18.69
N LEU A 385 -11.87 -36.95 17.60
CA LEU A 385 -10.41 -36.97 17.52
C LEU A 385 -9.82 -35.57 17.67
N LYS A 386 -10.46 -34.57 17.06
CA LYS A 386 -9.94 -33.21 17.15
C LYS A 386 -9.97 -32.72 18.59
N VAL A 387 -11.03 -33.07 19.32
CA VAL A 387 -11.17 -32.66 20.72
C VAL A 387 -10.03 -33.24 21.55
N TRP A 388 -9.74 -34.53 21.37
CA TRP A 388 -8.73 -35.20 22.18
C TRP A 388 -7.31 -34.85 21.73
N ILE A 389 -7.08 -34.67 20.44
CA ILE A 389 -5.77 -34.17 20.03
C ILE A 389 -5.48 -32.81 20.65
N GLU A 390 -6.50 -31.95 20.76
CA GLU A 390 -6.21 -30.64 21.33
C GLU A 390 -5.96 -30.72 22.84
N LYS A 391 -6.67 -31.61 23.55
CA LYS A 391 -6.35 -31.84 24.96
C LYS A 391 -4.87 -32.16 25.12
N ILE A 392 -4.39 -33.10 24.30
CA ILE A 392 -3.00 -33.55 24.36
C ILE A 392 -2.06 -32.41 23.97
N GLU A 393 -2.39 -31.70 22.88
CA GLU A 393 -1.55 -30.60 22.43
C GLU A 393 -1.38 -29.55 23.53
N ARG A 394 -2.46 -29.23 24.24
CA ARG A 394 -2.37 -28.25 25.31
C ARG A 394 -1.41 -28.71 26.40
N LEU A 395 -1.51 -29.98 26.80
CA LEU A 395 -0.64 -30.52 27.84
C LEU A 395 0.82 -30.50 27.40
N ILE A 396 1.08 -30.68 26.11
CA ILE A 396 2.46 -30.60 25.62
C ILE A 396 2.94 -29.15 25.59
N VAL A 397 2.08 -28.23 25.13
CA VAL A 397 2.49 -26.84 25.02
C VAL A 397 2.73 -26.21 26.40
N TYR A 398 1.96 -26.61 27.41
CA TYR A 398 2.19 -26.17 28.77
C TYR A 398 3.34 -26.91 29.45
N GLY A 399 4.03 -27.82 28.75
CA GLY A 399 5.14 -28.53 29.36
C GLY A 399 4.75 -29.48 30.47
N ILE A 400 3.51 -29.94 30.48
CA ILE A 400 3.07 -30.91 31.49
C ILE A 400 3.26 -32.35 30.99
N LEU A 401 2.89 -32.63 29.74
CA LEU A 401 2.99 -33.96 29.15
C LEU A 401 4.13 -33.95 28.14
N LYS A 402 4.97 -34.98 28.18
CA LYS A 402 6.10 -35.02 27.26
C LYS A 402 5.61 -35.35 25.85
N ASN A 403 6.23 -34.73 24.85
CA ASN A 403 5.88 -34.95 23.46
C ASN A 403 6.51 -36.27 22.99
N ASP A 404 5.96 -37.36 23.51
CA ASP A 404 6.50 -38.70 23.30
C ASP A 404 5.35 -39.68 23.14
N LYS A 405 5.35 -40.44 22.06
CA LYS A 405 4.17 -41.24 21.72
C LYS A 405 3.80 -42.18 22.85
N GLU A 406 4.79 -42.90 23.39
CA GLU A 406 4.49 -43.91 24.41
C GLU A 406 3.96 -43.26 25.69
N LEU A 407 4.50 -42.10 26.07
CA LEU A 407 4.01 -41.42 27.27
C LEU A 407 2.63 -40.82 27.01
N ILE A 408 2.38 -40.32 25.80
CA ILE A 408 1.04 -39.84 25.47
C ILE A 408 0.04 -41.00 25.51
N LYS A 409 0.44 -42.17 25.00
CA LYS A 409 -0.42 -43.35 25.06
C LYS A 409 -0.84 -43.65 26.49
N ASP A 410 0.14 -43.66 27.42
CA ASP A 410 -0.15 -43.88 28.82
C ASP A 410 -1.16 -42.86 29.33
N TRP A 411 -0.91 -41.58 29.08
CA TRP A 411 -1.88 -40.55 29.48
C TRP A 411 -3.26 -40.84 28.90
N PHE A 412 -3.33 -41.14 27.60
CA PHE A 412 -4.62 -41.32 26.95
C PHE A 412 -5.37 -42.51 27.51
N GLU A 413 -4.69 -43.65 27.66
CA GLU A 413 -5.39 -44.83 28.17
C GLU A 413 -5.91 -44.60 29.58
N ASP A 414 -5.20 -43.80 30.37
CA ASP A 414 -5.68 -43.45 31.70
C ASP A 414 -6.84 -42.47 31.64
N GLU A 415 -6.78 -41.49 30.73
CA GLU A 415 -7.80 -40.45 30.71
C GLU A 415 -9.04 -40.88 29.95
N TYR A 416 -8.90 -41.73 28.95
CA TYR A 416 -10.02 -42.10 28.08
C TYR A 416 -10.82 -43.26 28.65
#